data_6F9T
#
_entry.id   6F9T
#
_cell.length_a   57.105
_cell.length_b   84.763
_cell.length_c   133.957
_cell.angle_alpha   90.00
_cell.angle_beta   90.00
_cell.angle_gamma   90.00
#
_symmetry.space_group_name_H-M   'P 21 21 21'
#
loop_
_entity.id
_entity.type
_entity.pdbx_description
1 polymer 'Angiotensin-converting enzyme'
2 branched 2-acetamido-2-deoxy-beta-D-glucopyranose-(1-4)-2-acetamido-2-deoxy-beta-D-glucopyranose
3 branched 2-acetamido-2-deoxy-beta-D-glucopyranose-(1-2)-alpha-D-mannopyranose-(1-3)-[2-acetamido-2-deoxy-beta-D-glucopyranose-(1-2)-alpha-D-mannopyranose-(1-6)]beta-D-mannopyranose-(1-4)-2-acetamido-2-deoxy-beta-D-glucopyranose-(1-4)-[alpha-L-fucopyranose-(1-6)]2-acetamido-2-deoxy-beta-D-glucopyranose
4 non-polymer 'ZINC ION'
5 non-polymer Sampatrilat
6 non-polymer 'CHLORIDE ION'
7 non-polymer IMIDAZOLE
8 non-polymer 'BORIC ACID'
9 non-polymer 1,2-ETHANEDIOL
10 non-polymer DI(HYDROXYETHYL)ETHER
11 non-polymer 'TRIETHYLENE GLYCOL'
12 water water
#
_entity_poly.entity_id   1
_entity_poly.type   'polypeptide(L)'
_entity_poly.pdbx_seq_one_letter_code
;LVTDEAEASKFVEEYDRTSQVVWNEYAGANWNYNTNITTETSKILLQKNMQIAQHTLKYGTQARKFDVNQLQNTTIKRII
KKVQDLERAALPAQELEEYNKILLDMETTYSVATVCHPQGSCLQLEPDLTNVMATSRKYEDLLWAWEGWRDKAGRAILQF
YPKYVELINQAARLNGYVDAGDSWRSMYETPSLEQDLERLFQELQPLYLNLHAYVRRALHRHYGAQHINLEGPIPAHLLG
NMWAQTWSNIYDLVVPFPSAPSMDTTEAMLKQGWTPRRMFKEADDFFTSLGLLPVPPEFWQKSMLEKPTDGREVVCHASA
WDFYNGKDFRIKQCTTVNLEDLVVAHHEMGHIQYFMQYKDLPVALREGANPGFHEAIGDVLALSVSTPKHLHSLNLLSSE
GGSDEHDINFLMKMALDKIAFIPFSYLVDQWRWRVFDGSITKENYNQEWWSLRLKYQGL(CSO)PPVPRTQGDFDPGAKF
HIPSSVPYIRYFVSFIIQFQFHEALCQAAGHTGPLHKCDIYQSKEAGQRLATAMKLGFSRPWPEAMQLITGQPQMSASAM
LSYFKPLLDWLRTENELHGEKLGWPQYNWTPNSAR
;
_entity_poly.pdbx_strand_id   A
#
# COMPACT_ATOMS: atom_id res chain seq x y z
N ASP A 4 7.42 -36.16 19.74
CA ASP A 4 6.07 -36.69 19.63
C ASP A 4 5.16 -35.72 18.87
N GLU A 5 4.31 -36.27 17.99
CA GLU A 5 3.23 -35.48 17.42
C GLU A 5 2.41 -34.82 18.51
N ALA A 6 2.21 -35.53 19.62
CA ALA A 6 1.30 -35.06 20.66
C ALA A 6 1.89 -33.87 21.41
N GLU A 7 3.20 -33.88 21.67
CA GLU A 7 3.81 -32.75 22.34
C GLU A 7 3.77 -31.51 21.46
N ALA A 8 3.95 -31.70 20.15
CA ALA A 8 3.89 -30.55 19.23
C ALA A 8 2.48 -29.99 19.17
N SER A 9 1.46 -30.85 19.13
CA SER A 9 0.08 -30.39 19.16
C SER A 9 -0.20 -29.61 20.43
N LYS A 10 0.23 -30.13 21.58
CA LYS A 10 0.01 -29.43 22.85
C LYS A 10 0.65 -28.06 22.81
N PHE A 11 1.87 -27.97 22.31
CA PHE A 11 2.58 -26.71 22.24
C PHE A 11 1.81 -25.69 21.42
N VAL A 12 1.34 -26.11 20.26
CA VAL A 12 0.63 -25.19 19.38
C VAL A 12 -0.66 -24.71 20.03
N GLU A 13 -1.34 -25.59 20.77
CA GLU A 13 -2.54 -25.18 21.49
C GLU A 13 -2.22 -24.16 22.57
N GLU A 14 -1.15 -24.39 23.33
N GLU A 14 -1.14 -24.40 23.32
CA GLU A 14 -0.75 -23.43 24.36
CA GLU A 14 -0.73 -23.46 24.34
C GLU A 14 -0.29 -22.11 23.74
C GLU A 14 -0.31 -22.13 23.72
N TYR A 15 0.42 -22.17 22.60
CA TYR A 15 0.81 -20.94 21.93
C TYR A 15 -0.42 -20.15 21.51
N ASP A 16 -1.43 -20.83 20.99
CA ASP A 16 -2.62 -20.14 20.50
C ASP A 16 -3.35 -19.43 21.63
N ARG A 17 -3.54 -20.14 22.76
CA ARG A 17 -4.29 -19.54 23.87
C ARG A 17 -3.58 -18.32 24.42
N THR A 18 -2.29 -18.45 24.69
CA THR A 18 -1.53 -17.38 25.30
C THR A 18 -1.36 -16.21 24.32
N SER A 19 -1.18 -16.52 23.04
CA SER A 19 -1.01 -15.46 22.04
C SER A 19 -2.29 -14.63 21.91
N GLN A 20 -3.45 -15.29 21.91
CA GLN A 20 -4.71 -14.57 21.85
C GLN A 20 -4.81 -13.51 22.95
N VAL A 21 -4.41 -13.88 24.17
CA VAL A 21 -4.51 -12.94 25.28
C VAL A 21 -3.49 -11.80 25.11
N VAL A 22 -2.22 -12.14 24.87
CA VAL A 22 -1.18 -11.14 24.82
C VAL A 22 -1.36 -10.23 23.60
N TRP A 23 -1.74 -10.79 22.44
CA TRP A 23 -1.89 -9.95 21.25
C TRP A 23 -3.11 -9.03 21.39
N ASN A 24 -4.17 -9.53 22.03
CA ASN A 24 -5.34 -8.68 22.28
C ASN A 24 -5.01 -7.51 23.21
N GLU A 25 -4.19 -7.75 24.24
CA GLU A 25 -3.78 -6.66 25.12
C GLU A 25 -2.91 -5.65 24.39
N TYR A 26 -2.00 -6.13 23.53
CA TYR A 26 -1.15 -5.22 22.76
C TYR A 26 -1.98 -4.42 21.77
N ALA A 27 -2.92 -5.07 21.08
CA ALA A 27 -3.80 -4.35 20.15
C ALA A 27 -4.58 -3.26 20.87
N GLY A 28 -5.10 -3.56 22.06
CA GLY A 28 -5.83 -2.54 22.81
C GLY A 28 -4.96 -1.34 23.16
N ALA A 29 -3.75 -1.60 23.69
CA ALA A 29 -2.89 -0.50 24.10
C ALA A 29 -2.45 0.32 22.90
N ASN A 30 -2.16 -0.34 21.79
CA ASN A 30 -1.79 0.37 20.59
C ASN A 30 -2.95 1.22 20.06
N TRP A 31 -4.16 0.66 20.05
CA TRP A 31 -5.33 1.42 19.65
C TRP A 31 -5.53 2.63 20.55
N ASN A 32 -5.38 2.44 21.87
CA ASN A 32 -5.62 3.53 22.79
C ASN A 32 -4.62 4.66 22.62
N TYR A 33 -3.36 4.33 22.29
CA TYR A 33 -2.40 5.35 21.93
C TYR A 33 -2.78 6.02 20.62
N ASN A 34 -3.08 5.22 19.59
CA ASN A 34 -3.33 5.77 18.26
C ASN A 34 -4.56 6.68 18.24
N THR A 35 -5.54 6.43 19.11
CA THR A 35 -6.77 7.23 19.15
C THR A 35 -6.78 8.23 20.29
N ASN A 36 -5.65 8.41 20.97
CA ASN A 36 -5.58 9.30 22.12
C ASN A 36 -4.15 9.40 22.59
N ILE A 37 -3.36 10.17 21.83
CA ILE A 37 -1.92 10.28 22.05
C ILE A 37 -1.68 11.07 23.33
N THR A 38 -1.07 10.40 24.32
CA THR A 38 -0.75 11.04 25.59
C THR A 38 0.51 10.37 26.13
N THR A 39 1.12 11.01 27.13
CA THR A 39 2.23 10.37 27.84
C THR A 39 1.79 9.05 28.46
N GLU A 40 0.58 9.02 29.03
CA GLU A 40 0.12 7.82 29.71
C GLU A 40 -0.14 6.68 28.74
N THR A 41 -0.75 6.95 27.59
CA THR A 41 -1.01 5.87 26.65
C THR A 41 0.28 5.39 26.00
N SER A 42 1.26 6.28 25.80
CA SER A 42 2.58 5.84 25.34
C SER A 42 3.22 4.91 26.37
N LYS A 43 3.06 5.22 27.65
CA LYS A 43 3.67 4.42 28.70
C LYS A 43 3.11 3.01 28.74
N ILE A 44 1.78 2.90 28.66
CA ILE A 44 1.14 1.61 28.67
C ILE A 44 1.50 0.82 27.43
N LEU A 45 1.58 1.50 26.28
CA LEU A 45 1.96 0.81 25.05
C LEU A 45 3.37 0.26 25.18
N LEU A 46 4.28 1.03 25.74
CA LEU A 46 5.65 0.57 25.92
C LEU A 46 5.69 -0.71 26.76
N GLN A 47 4.91 -0.73 27.84
CA GLN A 47 4.83 -1.91 28.70
C GLN A 47 4.29 -3.13 27.93
N LYS A 48 3.26 -2.93 27.10
CA LYS A 48 2.70 -4.06 26.36
C LYS A 48 3.64 -4.52 25.26
N ASN A 49 4.41 -3.59 24.69
CA ASN A 49 5.45 -3.98 23.74
C ASN A 49 6.44 -4.95 24.41
N MET A 50 6.85 -4.65 25.64
CA MET A 50 7.77 -5.56 26.32
C MET A 50 7.08 -6.87 26.70
N GLN A 51 5.81 -6.84 27.06
CA GLN A 51 5.09 -8.07 27.37
C GLN A 51 5.00 -8.99 26.15
N ILE A 52 4.75 -8.42 24.96
CA ILE A 52 4.65 -9.27 23.79
C ILE A 52 6.04 -9.82 23.42
N ALA A 53 7.10 -9.03 23.61
CA ALA A 53 8.46 -9.53 23.37
C ALA A 53 8.77 -10.72 24.28
N GLN A 54 8.44 -10.61 25.57
CA GLN A 54 8.71 -11.72 26.48
C GLN A 54 7.95 -12.96 26.08
N HIS A 55 6.70 -12.79 25.65
CA HIS A 55 5.91 -13.92 25.19
C HIS A 55 6.53 -14.52 23.93
N THR A 56 6.93 -13.68 22.98
CA THR A 56 7.54 -14.19 21.75
C THR A 56 8.82 -14.94 22.05
N LEU A 57 9.64 -14.42 22.96
CA LEU A 57 10.88 -15.08 23.35
C LEU A 57 10.60 -16.43 24.00
N LYS A 58 9.65 -16.47 24.93
CA LYS A 58 9.33 -17.73 25.60
C LYS A 58 8.91 -18.80 24.61
N TYR A 59 7.91 -18.51 23.78
CA TYR A 59 7.35 -19.52 22.91
C TYR A 59 8.25 -19.78 21.72
N GLY A 60 8.99 -18.77 21.27
CA GLY A 60 9.89 -18.99 20.16
C GLY A 60 11.04 -19.89 20.56
N THR A 61 11.56 -19.69 21.77
CA THR A 61 12.61 -20.57 22.29
C THR A 61 12.14 -22.02 22.36
N GLN A 62 10.92 -22.24 22.89
N GLN A 62 10.91 -22.24 22.84
CA GLN A 62 10.33 -23.57 22.92
CA GLN A 62 10.39 -23.60 22.91
C GLN A 62 10.18 -24.13 21.51
C GLN A 62 10.09 -24.16 21.53
N ALA A 63 9.67 -23.32 20.59
CA ALA A 63 9.42 -23.82 19.24
C ALA A 63 10.71 -24.34 18.60
N ARG A 64 11.82 -23.66 18.85
CA ARG A 64 13.09 -24.02 18.24
C ARG A 64 13.64 -25.36 18.75
N LYS A 65 13.08 -25.88 19.85
CA LYS A 65 13.47 -27.19 20.36
C LYS A 65 12.86 -28.33 19.56
N PHE A 66 11.82 -28.05 18.79
CA PHE A 66 11.24 -29.02 17.88
C PHE A 66 12.08 -29.10 16.61
N ASP A 67 12.33 -30.33 16.16
CA ASP A 67 12.88 -30.61 14.84
C ASP A 67 11.70 -30.76 13.90
N VAL A 68 11.39 -29.67 13.19
CA VAL A 68 10.29 -29.66 12.24
C VAL A 68 10.38 -30.82 11.26
N ASN A 69 11.61 -31.25 10.93
CA ASN A 69 11.77 -32.34 9.97
C ASN A 69 11.07 -33.61 10.45
N GLN A 70 10.96 -33.79 11.75
CA GLN A 70 10.37 -35.00 12.31
C GLN A 70 8.86 -34.87 12.56
N LEU A 71 8.22 -33.78 12.13
CA LEU A 71 6.80 -33.57 12.40
C LEU A 71 5.99 -34.02 11.18
N GLN A 72 4.98 -34.85 11.44
CA GLN A 72 4.17 -35.38 10.35
C GLN A 72 3.02 -34.45 9.97
N ASN A 73 2.30 -33.94 10.96
CA ASN A 73 1.13 -33.09 10.66
C ASN A 73 1.62 -31.77 10.05
N THR A 74 1.15 -31.46 8.83
CA THR A 74 1.69 -30.32 8.10
C THR A 74 1.23 -28.99 8.69
N THR A 75 0.03 -28.93 9.26
CA THR A 75 -0.43 -27.69 9.88
C THR A 75 0.41 -27.36 11.11
N ILE A 76 0.68 -28.36 11.97
CA ILE A 76 1.47 -28.15 13.17
C ILE A 76 2.91 -27.81 12.82
N LYS A 77 3.44 -28.49 11.82
CA LYS A 77 4.78 -28.22 11.31
C LYS A 77 4.89 -26.76 10.89
N ARG A 78 3.89 -26.30 10.13
CA ARG A 78 3.88 -24.93 9.63
C ARG A 78 3.85 -23.92 10.76
N ILE A 79 2.99 -24.13 11.75
CA ILE A 79 2.88 -23.18 12.86
C ILE A 79 4.19 -23.14 13.63
N ILE A 80 4.74 -24.31 13.93
CA ILE A 80 5.94 -24.33 14.76
C ILE A 80 7.10 -23.66 14.03
N LYS A 81 7.22 -23.92 12.72
CA LYS A 81 8.29 -23.28 11.94
C LYS A 81 8.17 -21.76 12.01
N LYS A 82 6.96 -21.23 11.89
CA LYS A 82 6.75 -19.78 11.98
C LYS A 82 7.06 -19.24 13.37
N VAL A 83 6.66 -19.94 14.44
CA VAL A 83 6.92 -19.42 15.78
C VAL A 83 8.42 -19.44 16.10
N GLN A 84 9.21 -20.23 15.35
CA GLN A 84 10.64 -20.23 15.51
C GLN A 84 11.28 -18.91 15.09
N ASP A 85 10.56 -18.07 14.37
CA ASP A 85 11.04 -16.74 14.00
C ASP A 85 10.53 -15.75 15.04
N LEU A 86 11.44 -15.30 15.89
CA LEU A 86 11.15 -14.36 16.98
C LEU A 86 11.13 -12.92 16.53
N GLU A 87 11.48 -12.65 15.26
CA GLU A 87 11.64 -11.29 14.78
C GLU A 87 12.50 -10.50 15.77
N ARG A 88 12.11 -9.27 16.12
CA ARG A 88 12.97 -8.43 16.95
C ARG A 88 13.23 -9.00 18.35
N ALA A 89 12.39 -9.91 18.84
CA ALA A 89 12.56 -10.48 20.17
C ALA A 89 13.76 -11.42 20.24
N ALA A 90 14.40 -11.72 19.11
CA ALA A 90 15.64 -12.48 19.13
C ALA A 90 16.84 -11.61 19.54
N LEU A 91 16.68 -10.30 19.50
CA LEU A 91 17.78 -9.41 19.87
C LEU A 91 18.07 -9.51 21.36
N PRO A 92 19.36 -9.39 21.75
CA PRO A 92 19.69 -9.21 23.17
C PRO A 92 19.05 -7.96 23.73
N ALA A 93 19.01 -7.87 25.06
CA ALA A 93 18.17 -6.87 25.72
C ALA A 93 18.56 -5.45 25.29
N GLN A 94 19.85 -5.14 25.30
CA GLN A 94 20.28 -3.78 25.00
C GLN A 94 19.89 -3.39 23.59
N GLU A 95 20.15 -4.29 22.64
CA GLU A 95 19.86 -4.01 21.23
C GLU A 95 18.36 -3.89 20.99
N LEU A 96 17.56 -4.69 21.70
CA LEU A 96 16.11 -4.61 21.54
C LEU A 96 15.56 -3.29 22.03
N GLU A 97 16.06 -2.81 23.19
CA GLU A 97 15.66 -1.50 23.67
C GLU A 97 16.04 -0.42 22.66
N GLU A 98 17.26 -0.52 22.14
CA GLU A 98 17.76 0.47 21.20
C GLU A 98 16.92 0.46 19.92
N TYR A 99 16.56 -0.73 19.45
CA TYR A 99 15.79 -0.87 18.20
C TYR A 99 14.39 -0.29 18.37
N ASN A 100 13.71 -0.64 19.46
CA ASN A 100 12.39 -0.09 19.71
C ASN A 100 12.43 1.42 19.77
N LYS A 101 13.48 1.97 20.39
CA LYS A 101 13.60 3.42 20.55
C LYS A 101 13.87 4.11 19.21
N ILE A 102 14.73 3.50 18.37
CA ILE A 102 14.97 4.04 17.02
C ILE A 102 13.70 4.03 16.20
N LEU A 103 12.92 2.94 16.28
CA LEU A 103 11.68 2.91 15.51
C LEU A 103 10.74 4.03 15.97
N LEU A 104 10.61 4.18 17.29
CA LEU A 104 9.73 5.23 17.81
C LEU A 104 10.23 6.62 17.43
N ASP A 105 11.56 6.83 17.46
CA ASP A 105 12.12 8.14 17.12
C ASP A 105 11.91 8.47 15.63
N MET A 106 12.11 7.49 14.75
CA MET A 106 11.86 7.75 13.32
C MET A 106 10.39 8.08 13.06
N GLU A 107 9.49 7.28 13.63
CA GLU A 107 8.06 7.52 13.41
C GLU A 107 7.65 8.88 13.96
N THR A 108 8.11 9.22 15.17
CA THR A 108 7.78 10.52 15.75
C THR A 108 8.33 11.65 14.90
N THR A 109 9.60 11.54 14.51
CA THR A 109 10.22 12.58 13.68
C THR A 109 9.40 12.84 12.43
N TYR A 110 8.96 11.78 11.77
CA TYR A 110 8.17 11.93 10.56
C TYR A 110 6.83 12.60 10.86
N SER A 111 6.19 12.21 11.97
N SER A 111 6.19 12.19 11.97
CA SER A 111 4.83 12.65 12.25
CA SER A 111 4.84 12.65 12.26
C SER A 111 4.74 14.09 12.70
C SER A 111 4.80 14.14 12.57
N VAL A 112 5.81 14.65 13.27
CA VAL A 112 5.78 16.03 13.76
C VAL A 112 6.47 17.03 12.83
N ALA A 113 7.09 16.56 11.75
CA ALA A 113 7.76 17.47 10.82
C ALA A 113 6.77 18.42 10.17
N THR A 114 7.16 19.68 10.07
CA THR A 114 6.35 20.71 9.42
C THR A 114 7.27 21.56 8.55
N VAL A 115 6.66 22.26 7.58
CA VAL A 115 7.38 23.12 6.66
C VAL A 115 6.80 24.53 6.81
N CYS A 116 7.66 25.49 7.12
CA CYS A 116 7.22 26.82 7.52
C CYS A 116 7.71 27.87 6.53
N HIS A 117 6.85 28.85 6.24
CA HIS A 117 7.34 30.10 5.70
C HIS A 117 7.91 30.96 6.83
N PRO A 118 9.03 31.65 6.61
CA PRO A 118 9.52 32.56 7.65
C PRO A 118 8.50 33.65 7.92
N GLN A 119 8.32 33.97 9.21
CA GLN A 119 7.22 34.82 9.66
C GLN A 119 5.94 34.47 8.90
N GLY A 120 5.68 33.17 8.81
CA GLY A 120 4.48 32.67 8.16
C GLY A 120 3.92 31.42 8.80
N SER A 121 2.99 30.78 8.11
CA SER A 121 2.35 29.58 8.62
C SER A 121 3.26 28.36 8.45
N CYS A 122 3.07 27.39 9.34
CA CYS A 122 3.76 26.10 9.27
C CYS A 122 2.77 25.04 8.83
N LEU A 123 3.13 24.30 7.78
CA LEU A 123 2.23 23.34 7.17
C LEU A 123 2.61 21.92 7.57
N GLN A 124 1.62 21.13 7.98
CA GLN A 124 1.75 19.70 8.18
C GLN A 124 1.66 18.98 6.83
N LEU A 125 2.16 17.74 6.80
CA LEU A 125 2.07 16.97 5.56
C LEU A 125 0.63 16.82 5.13
N GLU A 126 -0.21 16.40 6.07
CA GLU A 126 -1.60 16.09 5.81
C GLU A 126 -2.48 17.00 6.66
N PRO A 127 -3.42 17.74 6.06
CA PRO A 127 -3.72 17.83 4.64
C PRO A 127 -2.94 18.95 3.92
N ASP A 128 -2.17 19.77 4.64
CA ASP A 128 -1.72 21.05 4.09
C ASP A 128 -0.84 20.83 2.87
N LEU A 129 0.24 20.05 3.02
CA LEU A 129 1.21 19.91 1.93
C LEU A 129 0.67 19.00 0.83
N THR A 130 -0.07 17.93 1.18
CA THR A 130 -0.64 17.10 0.14
C THR A 130 -1.67 17.87 -0.68
N ASN A 131 -2.39 18.83 -0.06
CA ASN A 131 -3.31 19.65 -0.83
C ASN A 131 -2.56 20.54 -1.82
N VAL A 132 -1.44 21.14 -1.39
CA VAL A 132 -0.63 21.92 -2.32
C VAL A 132 -0.21 21.05 -3.51
N MET A 133 0.35 19.88 -3.22
CA MET A 133 0.82 19.03 -4.31
C MET A 133 -0.30 18.65 -5.26
N ALA A 134 -1.52 18.44 -4.72
CA ALA A 134 -2.66 18.05 -5.54
C ALA A 134 -3.21 19.20 -6.39
N THR A 135 -3.19 20.43 -5.86
CA THR A 135 -3.94 21.53 -6.48
C THR A 135 -3.10 22.63 -7.11
N SER A 136 -1.89 22.87 -6.63
CA SER A 136 -1.10 23.95 -7.21
C SER A 136 -0.68 23.57 -8.63
N ARG A 137 -0.70 24.57 -9.51
CA ARG A 137 -0.22 24.40 -10.89
C ARG A 137 0.89 25.41 -11.16
N LYS A 138 1.60 25.80 -10.11
CA LYS A 138 2.71 26.76 -10.18
C LYS A 138 3.99 26.05 -9.77
N TYR A 139 4.94 25.96 -10.72
CA TYR A 139 6.18 25.19 -10.55
C TYR A 139 6.87 25.52 -9.23
N GLU A 140 7.00 26.81 -8.91
CA GLU A 140 7.75 27.18 -7.70
C GLU A 140 7.01 26.88 -6.41
N ASP A 141 5.69 26.96 -6.40
CA ASP A 141 4.92 26.62 -5.22
C ASP A 141 4.98 25.12 -4.95
N LEU A 142 4.87 24.31 -6.00
CA LEU A 142 5.06 22.86 -5.88
C LEU A 142 6.45 22.53 -5.39
N LEU A 143 7.44 23.26 -5.90
CA LEU A 143 8.82 23.01 -5.50
C LEU A 143 9.03 23.32 -4.02
N TRP A 144 8.43 24.41 -3.52
CA TRP A 144 8.55 24.75 -2.11
C TRP A 144 8.05 23.60 -1.23
N ALA A 145 6.90 23.04 -1.56
CA ALA A 145 6.33 21.96 -0.77
C ALA A 145 7.14 20.68 -0.90
N TRP A 146 7.57 20.36 -2.12
CA TRP A 146 8.31 19.13 -2.39
C TRP A 146 9.66 19.15 -1.70
N GLU A 147 10.40 20.24 -1.90
CA GLU A 147 11.72 20.34 -1.31
C GLU A 147 11.63 20.51 0.20
N GLY A 148 10.70 21.34 0.65
CA GLY A 148 10.56 21.58 2.08
C GLY A 148 10.26 20.31 2.85
N TRP A 149 9.37 19.48 2.33
CA TRP A 149 9.06 18.23 3.04
C TRP A 149 10.28 17.32 3.14
N ARG A 150 11.08 17.24 2.07
CA ARG A 150 12.30 16.44 2.14
C ARG A 150 13.32 17.05 3.09
N ASP A 151 13.42 18.39 3.10
CA ASP A 151 14.35 19.07 4.00
C ASP A 151 14.00 18.80 5.46
N LYS A 152 12.71 18.80 5.78
CA LYS A 152 12.31 18.71 7.19
C LYS A 152 12.05 17.29 7.67
N ALA A 153 11.42 16.45 6.86
CA ALA A 153 11.23 15.06 7.24
C ALA A 153 12.41 14.18 6.84
N GLY A 154 12.78 14.18 5.56
CA GLY A 154 13.80 13.25 5.10
C GLY A 154 15.14 13.45 5.79
N ARG A 155 15.65 14.68 5.75
CA ARG A 155 16.96 14.92 6.35
C ARG A 155 16.97 14.57 7.83
N ALA A 156 15.83 14.70 8.53
CA ALA A 156 15.81 14.45 9.96
C ALA A 156 15.77 12.96 10.30
N ILE A 157 15.40 12.09 9.35
CA ILE A 157 15.44 10.64 9.55
C ILE A 157 16.85 10.06 9.36
N LEU A 158 17.71 10.74 8.61
CA LEU A 158 18.99 10.15 8.21
C LEU A 158 19.82 9.73 9.43
N GLN A 159 19.75 10.52 10.51
CA GLN A 159 20.60 10.22 11.65
C GLN A 159 20.31 8.85 12.24
N PHE A 160 19.08 8.35 12.09
CA PHE A 160 18.66 7.09 12.68
C PHE A 160 18.84 5.90 11.75
N TYR A 161 18.89 6.11 10.42
CA TYR A 161 18.65 4.99 9.54
C TYR A 161 19.78 3.96 9.54
N PRO A 162 21.06 4.35 9.58
CA PRO A 162 22.10 3.31 9.59
C PRO A 162 21.99 2.39 10.78
N LYS A 163 21.67 2.92 11.96
CA LYS A 163 21.56 2.05 13.13
C LYS A 163 20.31 1.19 13.05
N TYR A 164 19.20 1.73 12.54
CA TYR A 164 18.02 0.91 12.22
C TYR A 164 18.39 -0.29 11.35
N VAL A 165 19.13 -0.05 10.26
CA VAL A 165 19.52 -1.12 9.34
C VAL A 165 20.36 -2.16 10.07
N GLU A 166 21.34 -1.70 10.85
CA GLU A 166 22.17 -2.63 11.62
C GLU A 166 21.30 -3.52 12.52
N LEU A 167 20.38 -2.93 13.27
CA LEU A 167 19.60 -3.69 14.26
C LEU A 167 18.58 -4.61 13.59
N ILE A 168 17.88 -4.13 12.56
CA ILE A 168 16.89 -4.99 11.93
C ILE A 168 17.59 -6.13 11.20
N ASN A 169 18.77 -5.89 10.60
CA ASN A 169 19.53 -6.99 10.01
C ASN A 169 20.01 -7.96 11.08
N GLN A 170 20.48 -7.44 12.22
CA GLN A 170 20.94 -8.34 13.28
C GLN A 170 19.80 -9.27 13.72
N ALA A 171 18.60 -8.72 13.89
CA ALA A 171 17.46 -9.56 14.26
C ALA A 171 17.17 -10.60 13.19
N ALA A 172 17.27 -10.22 11.92
CA ALA A 172 17.03 -11.18 10.83
C ALA A 172 18.04 -12.31 10.88
N ARG A 173 19.31 -11.98 11.12
CA ARG A 173 20.35 -13.02 11.16
C ARG A 173 20.14 -13.94 12.35
N LEU A 174 19.68 -13.39 13.48
CA LEU A 174 19.38 -14.21 14.64
C LEU A 174 18.16 -15.10 14.45
N ASN A 175 17.38 -14.89 13.40
CA ASN A 175 16.27 -15.75 13.05
C ASN A 175 16.57 -16.60 11.81
N GLY A 176 17.83 -16.63 11.37
CA GLY A 176 18.26 -17.54 10.32
C GLY A 176 18.26 -17.00 8.91
N TYR A 177 17.97 -15.72 8.73
CA TYR A 177 17.99 -15.06 7.44
C TYR A 177 19.36 -14.43 7.25
N VAL A 178 19.66 -13.99 6.02
CA VAL A 178 20.95 -13.33 5.83
C VAL A 178 20.86 -11.83 6.04
N ASP A 179 19.66 -11.24 5.91
CA ASP A 179 19.44 -9.84 6.20
C ASP A 179 17.93 -9.62 6.25
N ALA A 180 17.52 -8.40 6.64
CA ALA A 180 16.10 -8.09 6.80
C ALA A 180 15.31 -8.19 5.51
N GLY A 181 15.95 -7.90 4.37
CA GLY A 181 15.26 -8.02 3.09
C GLY A 181 14.91 -9.47 2.76
N ASP A 182 15.87 -10.37 2.96
CA ASP A 182 15.61 -11.81 2.88
C ASP A 182 14.43 -12.23 3.75
N SER A 183 14.42 -11.77 5.01
N SER A 183 14.40 -11.77 5.00
CA SER A 183 13.32 -12.09 5.91
CA SER A 183 13.29 -12.14 5.88
C SER A 183 11.98 -11.59 5.35
C SER A 183 11.96 -11.59 5.36
N TRP A 184 11.97 -10.36 4.81
CA TRP A 184 10.72 -9.80 4.29
C TRP A 184 10.23 -10.57 3.07
N ARG A 185 11.13 -10.86 2.16
CA ARG A 185 10.75 -11.59 0.96
C ARG A 185 10.19 -12.97 1.30
N SER A 186 10.70 -13.57 2.37
CA SER A 186 10.26 -14.92 2.73
C SER A 186 8.78 -14.99 3.07
N MET A 187 8.13 -13.84 3.35
CA MET A 187 6.70 -13.86 3.62
C MET A 187 5.91 -14.39 2.44
N TYR A 188 6.48 -14.40 1.24
CA TYR A 188 5.78 -14.90 0.06
C TYR A 188 6.02 -16.38 -0.21
N GLU A 189 6.96 -16.99 0.51
CA GLU A 189 7.26 -18.42 0.38
C GLU A 189 7.45 -18.82 -1.07
N THR A 190 8.15 -17.97 -1.83
CA THR A 190 8.30 -18.17 -3.27
C THR A 190 9.75 -17.97 -3.65
N PRO A 191 10.51 -19.05 -3.86
CA PRO A 191 11.93 -18.88 -4.18
C PRO A 191 12.19 -18.04 -5.43
N SER A 192 11.26 -18.04 -6.39
CA SER A 192 11.44 -17.29 -7.63
C SER A 192 10.91 -15.87 -7.54
N LEU A 193 10.65 -15.37 -6.33
CA LEU A 193 9.95 -14.10 -6.19
C LEU A 193 10.58 -12.98 -7.01
N GLU A 194 11.90 -12.75 -6.87
CA GLU A 194 12.49 -11.60 -7.53
C GLU A 194 12.32 -11.67 -9.05
N GLN A 195 12.54 -12.84 -9.65
CA GLN A 195 12.34 -12.96 -11.10
C GLN A 195 10.88 -12.81 -11.49
N ASP A 196 9.98 -13.40 -10.69
CA ASP A 196 8.56 -13.28 -10.98
C ASP A 196 8.12 -11.83 -10.96
N LEU A 197 8.57 -11.05 -9.95
CA LEU A 197 8.16 -9.65 -9.89
C LEU A 197 8.75 -8.84 -11.05
N GLU A 198 10.01 -9.10 -11.40
CA GLU A 198 10.64 -8.44 -12.53
C GLU A 198 9.87 -8.71 -13.81
N ARG A 199 9.42 -9.94 -14.00
CA ARG A 199 8.69 -10.26 -15.22
C ARG A 199 7.39 -9.48 -15.29
N LEU A 200 6.68 -9.37 -14.17
CA LEU A 200 5.45 -8.60 -14.12
C LEU A 200 5.72 -7.15 -14.45
N PHE A 201 6.78 -6.58 -13.84
CA PHE A 201 7.15 -5.19 -14.11
C PHE A 201 7.38 -5.00 -15.61
N GLN A 202 8.13 -5.91 -16.21
CA GLN A 202 8.42 -5.77 -17.64
C GLN A 202 7.16 -5.84 -18.50
N GLU A 203 6.17 -6.65 -18.10
CA GLU A 203 4.95 -6.74 -18.90
C GLU A 203 4.18 -5.43 -18.92
N LEU A 204 4.33 -4.62 -17.87
CA LEU A 204 3.66 -3.34 -17.79
C LEU A 204 4.45 -2.19 -18.41
N GLN A 205 5.64 -2.44 -18.96
CA GLN A 205 6.43 -1.34 -19.52
C GLN A 205 5.76 -0.64 -20.68
N PRO A 206 5.19 -1.32 -21.69
CA PRO A 206 4.53 -0.59 -22.79
C PRO A 206 3.48 0.40 -22.31
N LEU A 207 2.63 -0.04 -21.39
CA LEU A 207 1.61 0.85 -20.86
C LEU A 207 2.25 2.00 -20.07
N TYR A 208 3.20 1.71 -19.19
CA TYR A 208 3.75 2.80 -18.38
C TYR A 208 4.52 3.79 -19.25
N LEU A 209 5.31 3.30 -20.18
CA LEU A 209 6.09 4.22 -20.99
C LEU A 209 5.18 5.09 -21.85
N ASN A 210 4.08 4.52 -22.35
CA ASN A 210 3.19 5.33 -23.15
C ASN A 210 2.43 6.35 -22.30
N LEU A 211 2.03 5.98 -21.08
CA LEU A 211 1.38 6.93 -20.20
C LEU A 211 2.34 8.05 -19.82
N HIS A 212 3.57 7.67 -19.48
CA HIS A 212 4.62 8.63 -19.13
C HIS A 212 4.83 9.65 -20.25
N ALA A 213 4.98 9.17 -21.48
CA ALA A 213 5.26 10.09 -22.57
C ALA A 213 4.09 11.04 -22.83
N TYR A 214 2.87 10.54 -22.72
CA TYR A 214 1.68 11.39 -22.91
C TYR A 214 1.58 12.45 -21.80
N VAL A 215 1.81 12.05 -20.56
CA VAL A 215 1.76 13.00 -19.46
C VAL A 215 2.89 14.01 -19.58
N ARG A 216 4.09 13.54 -19.94
CA ARG A 216 5.23 14.42 -20.16
C ARG A 216 4.88 15.51 -21.18
N ARG A 217 4.25 15.12 -22.28
CA ARG A 217 3.83 16.11 -23.28
C ARG A 217 2.84 17.10 -22.71
N ALA A 218 1.87 16.62 -21.91
CA ALA A 218 0.93 17.53 -21.30
C ALA A 218 1.62 18.50 -20.34
N LEU A 219 2.58 17.99 -19.56
CA LEU A 219 3.30 18.88 -18.64
C LEU A 219 4.11 19.91 -19.43
N HIS A 220 4.64 19.52 -20.58
CA HIS A 220 5.38 20.46 -21.42
C HIS A 220 4.48 21.60 -21.86
N ARG A 221 3.25 21.29 -22.21
CA ARG A 221 2.27 22.30 -22.59
C ARG A 221 2.02 23.28 -21.45
N HIS A 222 1.88 22.76 -20.21
CA HIS A 222 1.51 23.64 -19.11
C HIS A 222 2.70 24.37 -18.51
N TYR A 223 3.78 23.65 -18.21
CA TYR A 223 4.89 24.19 -17.45
C TYR A 223 5.98 24.77 -18.34
N GLY A 224 5.91 24.57 -19.65
CA GLY A 224 6.79 25.25 -20.59
C GLY A 224 7.97 24.42 -21.06
N ALA A 225 8.39 24.69 -22.29
CA ALA A 225 9.46 23.93 -22.93
C ALA A 225 10.77 24.03 -22.16
N GLN A 226 11.02 25.15 -21.48
CA GLN A 226 12.26 25.32 -20.76
C GLN A 226 12.34 24.45 -19.52
N HIS A 227 11.22 23.87 -19.09
CA HIS A 227 11.18 23.10 -17.86
C HIS A 227 10.83 21.64 -18.04
N ILE A 228 10.50 21.20 -19.25
CA ILE A 228 10.17 19.80 -19.55
C ILE A 228 10.96 19.38 -20.78
N ASN A 229 11.81 18.37 -20.62
CA ASN A 229 12.55 17.77 -21.72
C ASN A 229 11.74 16.62 -22.30
N LEU A 230 11.32 16.75 -23.56
CA LEU A 230 10.44 15.74 -24.17
C LEU A 230 11.13 14.40 -24.38
N GLU A 231 12.45 14.32 -24.17
CA GLU A 231 13.21 13.08 -24.30
C GLU A 231 13.82 12.69 -22.97
N GLY A 232 13.39 13.31 -21.87
CA GLY A 232 13.99 13.06 -20.59
C GLY A 232 13.00 12.69 -19.50
N PRO A 233 13.51 12.53 -18.28
CA PRO A 233 12.64 12.22 -17.14
C PRO A 233 11.80 13.42 -16.74
N ILE A 234 10.69 13.13 -16.08
CA ILE A 234 9.76 14.16 -15.60
C ILE A 234 10.17 14.67 -14.22
N PRO A 235 10.16 15.99 -14.00
CA PRO A 235 10.42 16.51 -12.65
C PRO A 235 9.42 15.97 -11.64
N ALA A 236 9.96 15.52 -10.52
CA ALA A 236 9.19 14.66 -9.62
C ALA A 236 8.14 15.41 -8.81
N HIS A 237 8.05 16.74 -8.90
CA HIS A 237 7.10 17.50 -8.12
C HIS A 237 5.85 17.93 -8.92
N LEU A 238 5.67 17.42 -10.15
CA LEU A 238 4.61 17.90 -11.05
C LEU A 238 3.45 16.92 -11.23
N LEU A 239 3.41 15.83 -10.47
CA LEU A 239 2.48 14.75 -10.74
C LEU A 239 1.29 14.73 -9.79
N GLY A 240 1.15 15.74 -8.91
CA GLY A 240 -0.06 15.88 -8.11
C GLY A 240 -0.01 15.20 -6.77
N ASN A 241 1.12 14.60 -6.42
CA ASN A 241 1.27 13.76 -5.25
C ASN A 241 2.70 13.91 -4.77
N MET A 242 2.86 13.92 -3.44
CA MET A 242 4.15 14.26 -2.84
C MET A 242 5.25 13.33 -3.30
N TRP A 243 4.93 12.06 -3.56
CA TRP A 243 5.91 11.04 -3.97
C TRP A 243 5.80 10.69 -5.45
N ALA A 244 4.96 11.38 -6.22
CA ALA A 244 4.68 11.01 -7.61
C ALA A 244 4.29 9.53 -7.74
N GLN A 245 3.63 8.98 -6.72
CA GLN A 245 3.29 7.54 -6.71
C GLN A 245 1.98 7.25 -7.41
N THR A 246 1.08 8.22 -7.41
N THR A 246 1.06 8.21 -7.37
CA THR A 246 -0.15 8.19 -8.18
CA THR A 246 -0.16 8.21 -8.15
C THR A 246 -0.32 9.58 -8.76
C THR A 246 -0.32 9.59 -8.76
N TRP A 247 -0.91 9.64 -9.94
CA TRP A 247 -0.93 10.87 -10.72
C TRP A 247 -2.34 11.38 -10.97
N SER A 248 -3.34 10.86 -10.27
CA SER A 248 -4.68 11.24 -10.72
C SER A 248 -5.05 12.67 -10.37
N ASN A 249 -4.33 13.38 -9.50
CA ASN A 249 -4.70 14.77 -9.25
C ASN A 249 -4.36 15.71 -10.39
N ILE A 250 -3.57 15.29 -11.39
CA ILE A 250 -3.31 16.12 -12.57
C ILE A 250 -4.15 15.67 -13.76
N TYR A 251 -5.26 14.95 -13.50
CA TYR A 251 -6.21 14.62 -14.56
C TYR A 251 -6.61 15.87 -15.36
N ASP A 252 -6.78 17.02 -14.67
CA ASP A 252 -7.17 18.26 -15.34
C ASP A 252 -6.17 18.70 -16.41
N LEU A 253 -4.90 18.36 -16.23
CA LEU A 253 -3.88 18.72 -17.21
C LEU A 253 -3.77 17.73 -18.36
N VAL A 254 -4.32 16.52 -18.24
CA VAL A 254 -4.02 15.47 -19.20
C VAL A 254 -5.29 14.86 -19.80
N VAL A 255 -6.45 15.43 -19.49
CA VAL A 255 -7.70 14.76 -19.87
C VAL A 255 -7.72 14.50 -21.38
N PRO A 256 -7.95 13.26 -21.83
CA PRO A 256 -7.89 12.99 -23.28
C PRO A 256 -8.93 13.75 -24.07
N PHE A 257 -10.16 13.85 -23.55
CA PHE A 257 -11.25 14.49 -24.28
C PHE A 257 -11.83 15.58 -23.38
N PRO A 258 -11.25 16.78 -23.40
CA PRO A 258 -11.78 17.87 -22.57
C PRO A 258 -13.22 18.19 -22.89
N SER A 259 -13.71 17.82 -24.08
CA SER A 259 -15.09 18.08 -24.47
C SER A 259 -16.08 17.17 -23.77
N ALA A 260 -15.58 16.13 -23.10
CA ALA A 260 -16.40 15.16 -22.39
C ALA A 260 -16.13 15.34 -20.90
N PRO A 261 -16.68 16.38 -20.30
CA PRO A 261 -16.37 16.69 -18.90
C PRO A 261 -17.01 15.71 -17.93
N SER A 262 -16.45 15.68 -16.72
CA SER A 262 -16.92 14.80 -15.66
C SER A 262 -17.34 15.64 -14.46
N MET A 263 -18.38 15.18 -13.77
CA MET A 263 -18.84 15.87 -12.57
C MET A 263 -17.72 15.98 -11.54
N ASP A 264 -17.76 17.07 -10.80
CA ASP A 264 -16.91 17.26 -9.62
C ASP A 264 -17.47 16.36 -8.52
N THR A 265 -16.84 15.21 -8.30
CA THR A 265 -17.42 14.22 -7.39
C THR A 265 -17.35 14.65 -5.93
N THR A 266 -16.33 15.42 -5.54
CA THR A 266 -16.25 15.90 -4.17
C THR A 266 -17.40 16.85 -3.88
N GLU A 267 -17.62 17.81 -4.77
CA GLU A 267 -18.72 18.74 -4.58
C GLU A 267 -20.06 18.01 -4.56
N ALA A 268 -20.22 16.99 -5.40
CA ALA A 268 -21.44 16.19 -5.41
C ALA A 268 -21.64 15.48 -4.07
N MET A 269 -20.58 14.88 -3.54
CA MET A 269 -20.71 14.18 -2.25
C MET A 269 -21.05 15.17 -1.14
N LEU A 270 -20.41 16.33 -1.13
CA LEU A 270 -20.72 17.32 -0.12
C LEU A 270 -22.14 17.84 -0.27
N LYS A 271 -22.56 18.16 -1.51
CA LYS A 271 -23.89 18.70 -1.73
C LYS A 271 -24.95 17.72 -1.27
N GLN A 272 -24.72 16.43 -1.48
CA GLN A 272 -25.67 15.39 -1.15
C GLN A 272 -25.50 14.89 0.29
N GLY A 273 -24.67 15.54 1.09
CA GLY A 273 -24.65 15.28 2.51
C GLY A 273 -23.95 14.01 2.92
N TRP A 274 -23.09 13.46 2.07
CA TRP A 274 -22.27 12.32 2.48
C TRP A 274 -21.47 12.62 3.74
N THR A 275 -21.31 11.59 4.56
CA THR A 275 -20.56 11.60 5.80
C THR A 275 -19.57 10.45 5.78
N PRO A 276 -18.57 10.47 6.65
CA PRO A 276 -17.73 9.27 6.81
C PRO A 276 -18.51 8.01 7.12
N ARG A 277 -19.50 8.07 8.03
CA ARG A 277 -20.23 6.86 8.34
C ARG A 277 -20.98 6.34 7.11
N ARG A 278 -21.51 7.25 6.30
CA ARG A 278 -22.18 6.79 5.08
C ARG A 278 -21.20 6.10 4.15
N MET A 279 -20.00 6.64 4.03
CA MET A 279 -18.99 6.01 3.16
C MET A 279 -18.70 4.59 3.61
N PHE A 280 -18.52 4.37 4.91
CA PHE A 280 -18.27 3.00 5.37
C PHE A 280 -19.50 2.12 5.27
N LYS A 281 -20.70 2.67 5.47
CA LYS A 281 -21.90 1.86 5.27
C LYS A 281 -22.01 1.43 3.81
N GLU A 282 -21.62 2.30 2.88
CA GLU A 282 -21.67 1.89 1.48
C GLU A 282 -20.70 0.77 1.20
N ALA A 283 -19.51 0.83 1.79
CA ALA A 283 -18.55 -0.27 1.61
C ALA A 283 -19.09 -1.56 2.23
N ASP A 284 -19.61 -1.48 3.46
CA ASP A 284 -20.23 -2.63 4.10
C ASP A 284 -21.30 -3.23 3.19
N ASP A 285 -22.17 -2.39 2.64
CA ASP A 285 -23.21 -2.85 1.73
C ASP A 285 -22.63 -3.58 0.50
N PHE A 286 -21.51 -3.11 -0.07
CA PHE A 286 -20.96 -3.81 -1.23
C PHE A 286 -20.53 -5.20 -0.83
N PHE A 287 -19.85 -5.33 0.31
CA PHE A 287 -19.41 -6.65 0.76
C PHE A 287 -20.60 -7.58 0.97
N THR A 288 -21.65 -7.12 1.66
CA THR A 288 -22.77 -8.03 1.91
C THR A 288 -23.57 -8.31 0.63
N SER A 289 -23.51 -7.41 -0.37
CA SER A 289 -24.17 -7.67 -1.65
C SER A 289 -23.57 -8.90 -2.33
N LEU A 290 -22.30 -9.20 -2.04
CA LEU A 290 -21.61 -10.35 -2.61
C LEU A 290 -21.83 -11.59 -1.78
N GLY A 291 -22.62 -11.48 -0.71
CA GLY A 291 -22.79 -12.53 0.25
C GLY A 291 -21.65 -12.65 1.24
N LEU A 292 -20.77 -11.66 1.30
CA LEU A 292 -19.68 -11.68 2.27
C LEU A 292 -20.17 -11.12 3.60
N LEU A 293 -19.28 -11.08 4.58
CA LEU A 293 -19.73 -10.86 5.96
C LEU A 293 -19.95 -9.38 6.24
N PRO A 294 -21.00 -9.02 6.97
CA PRO A 294 -21.12 -7.64 7.47
C PRO A 294 -20.15 -7.43 8.62
N VAL A 295 -19.72 -6.19 8.83
CA VAL A 295 -18.92 -5.90 10.02
C VAL A 295 -19.84 -6.01 11.23
N PRO A 296 -19.35 -6.44 12.38
CA PRO A 296 -20.24 -6.65 13.53
C PRO A 296 -20.73 -5.33 14.09
N PRO A 297 -21.79 -5.36 14.93
CA PRO A 297 -22.20 -4.11 15.59
C PRO A 297 -21.08 -3.44 16.36
N GLU A 298 -20.22 -4.24 17.00
CA GLU A 298 -19.09 -3.70 17.75
C GLU A 298 -18.22 -2.81 16.88
N PHE A 299 -18.07 -3.14 15.60
CA PHE A 299 -17.25 -2.30 14.70
C PHE A 299 -17.77 -0.88 14.66
N TRP A 300 -19.10 -0.72 14.54
CA TRP A 300 -19.69 0.61 14.46
C TRP A 300 -19.58 1.35 15.78
N GLN A 301 -19.59 0.63 16.91
CA GLN A 301 -19.45 1.28 18.21
C GLN A 301 -18.02 1.75 18.48
N LYS A 302 -17.02 0.96 18.10
CA LYS A 302 -15.66 1.20 18.58
C LYS A 302 -14.74 1.82 17.53
N SER A 303 -15.10 1.77 16.25
CA SER A 303 -14.22 2.31 15.23
C SER A 303 -14.12 3.83 15.33
N MET A 304 -13.02 4.36 14.82
CA MET A 304 -12.78 5.79 14.76
C MET A 304 -12.81 6.15 13.28
N LEU A 305 -13.97 6.60 12.81
CA LEU A 305 -14.17 6.78 11.37
C LEU A 305 -14.02 8.21 10.92
N GLU A 306 -13.81 9.14 11.85
CA GLU A 306 -13.44 10.51 11.52
C GLU A 306 -12.64 11.08 12.68
N LYS A 307 -12.00 12.21 12.41
CA LYS A 307 -11.14 12.83 13.40
C LYS A 307 -11.99 13.28 14.59
N PRO A 308 -11.60 12.96 15.82
CA PRO A 308 -12.38 13.43 16.98
C PRO A 308 -12.30 14.94 17.15
N THR A 309 -13.36 15.49 17.74
CA THR A 309 -13.43 16.92 18.03
C THR A 309 -13.48 17.19 19.53
N ASP A 310 -13.10 16.21 20.36
CA ASP A 310 -13.18 16.31 21.80
C ASP A 310 -11.85 16.68 22.44
N GLY A 311 -10.86 17.10 21.65
CA GLY A 311 -9.57 17.46 22.16
C GLY A 311 -8.52 16.37 22.11
N ARG A 312 -8.91 15.11 21.89
CA ARG A 312 -7.92 14.07 21.68
C ARG A 312 -7.05 14.40 20.48
N GLU A 313 -5.80 13.97 20.53
CA GLU A 313 -4.91 13.96 19.39
C GLU A 313 -4.75 12.51 18.93
N VAL A 314 -4.79 12.29 17.61
CA VAL A 314 -4.88 10.95 17.06
C VAL A 314 -3.90 10.79 15.91
N VAL A 315 -3.63 9.52 15.58
CA VAL A 315 -2.95 9.17 14.34
C VAL A 315 -4.01 9.03 13.25
N CYS A 316 -3.93 9.88 12.24
CA CYS A 316 -5.04 9.99 11.30
C CYS A 316 -4.97 9.00 10.15
N HIS A 317 -3.82 8.41 9.87
CA HIS A 317 -3.69 7.54 8.70
C HIS A 317 -4.70 6.40 8.74
N ALA A 318 -5.27 6.10 7.58
CA ALA A 318 -6.24 5.02 7.47
C ALA A 318 -5.59 3.70 7.89
N SER A 319 -6.33 2.91 8.65
CA SER A 319 -5.80 1.66 9.16
C SER A 319 -6.94 0.77 9.62
N ALA A 320 -6.68 -0.53 9.56
CA ALA A 320 -7.61 -1.59 9.91
C ALA A 320 -6.94 -2.49 10.94
N TRP A 321 -7.71 -2.90 11.96
CA TRP A 321 -7.18 -3.48 13.19
C TRP A 321 -7.91 -4.77 13.55
N ASP A 322 -7.14 -5.85 13.73
CA ASP A 322 -7.62 -7.13 14.25
C ASP A 322 -7.20 -7.20 15.70
N PHE A 323 -8.17 -7.41 16.60
CA PHE A 323 -7.88 -7.45 18.03
C PHE A 323 -7.69 -8.88 18.52
N TYR A 324 -7.69 -9.84 17.61
CA TYR A 324 -7.27 -11.21 17.88
C TYR A 324 -8.16 -11.91 18.90
N ASN A 325 -9.45 -11.59 18.91
CA ASN A 325 -10.42 -12.35 19.68
C ASN A 325 -11.60 -12.86 18.85
N GLY A 326 -11.55 -12.73 17.52
CA GLY A 326 -12.61 -13.22 16.65
C GLY A 326 -13.87 -12.40 16.63
N LYS A 327 -13.91 -11.27 17.35
CA LYS A 327 -15.13 -10.48 17.49
C LYS A 327 -14.94 -9.00 17.27
N ASP A 328 -13.75 -8.49 17.61
CA ASP A 328 -13.46 -7.06 17.71
C ASP A 328 -12.53 -6.68 16.57
N PHE A 329 -13.06 -5.95 15.60
CA PHE A 329 -12.34 -5.48 14.42
C PHE A 329 -12.69 -4.01 14.27
N ARG A 330 -11.70 -3.16 13.98
CA ARG A 330 -11.94 -1.72 13.93
C ARG A 330 -11.16 -1.05 12.81
N ILE A 331 -11.70 0.05 12.31
CA ILE A 331 -10.97 0.94 11.41
C ILE A 331 -10.72 2.24 12.15
N LYS A 332 -9.52 2.79 11.96
CA LYS A 332 -9.16 4.11 12.45
C LYS A 332 -8.77 4.95 11.25
N GLN A 333 -9.57 5.96 10.91
CA GLN A 333 -9.30 6.79 9.74
C GLN A 333 -9.90 8.17 9.95
N CYS A 334 -9.10 9.22 9.74
CA CYS A 334 -9.62 10.58 9.72
C CYS A 334 -10.20 10.87 8.34
N THR A 335 -11.35 10.25 8.11
CA THR A 335 -11.98 10.25 6.80
C THR A 335 -12.39 11.64 6.36
N THR A 336 -12.11 11.95 5.11
CA THR A 336 -12.59 13.16 4.46
C THR A 336 -13.60 12.77 3.37
N VAL A 337 -14.55 13.65 3.10
CA VAL A 337 -15.67 13.31 2.22
C VAL A 337 -15.25 13.63 0.80
N ASN A 338 -14.71 12.63 0.12
CA ASN A 338 -14.34 12.72 -1.29
C ASN A 338 -14.21 11.29 -1.81
N LEU A 339 -14.06 11.18 -3.14
CA LEU A 339 -14.08 9.86 -3.78
C LEU A 339 -12.82 9.06 -3.44
N GLU A 340 -11.69 9.75 -3.30
CA GLU A 340 -10.44 9.08 -2.96
C GLU A 340 -10.57 8.36 -1.63
N ASP A 341 -11.14 9.02 -0.62
CA ASP A 341 -11.31 8.36 0.66
C ASP A 341 -12.45 7.35 0.64
N LEU A 342 -13.41 7.47 -0.28
CA LEU A 342 -14.37 6.38 -0.45
C LEU A 342 -13.64 5.12 -0.90
N VAL A 343 -12.63 5.28 -1.78
CA VAL A 343 -11.86 4.12 -2.22
C VAL A 343 -11.00 3.60 -1.07
N VAL A 344 -10.37 4.50 -0.31
CA VAL A 344 -9.61 4.07 0.87
C VAL A 344 -10.51 3.34 1.87
N ALA A 345 -11.74 3.82 2.05
CA ALA A 345 -12.66 3.11 2.95
C ALA A 345 -12.86 1.67 2.48
N HIS A 346 -13.00 1.45 1.17
CA HIS A 346 -13.17 0.11 0.66
C HIS A 346 -11.89 -0.70 0.87
N HIS A 347 -10.74 -0.09 0.63
CA HIS A 347 -9.47 -0.76 0.89
C HIS A 347 -9.41 -1.29 2.32
N GLU A 348 -9.68 -0.41 3.28
CA GLU A 348 -9.62 -0.80 4.70
C GLU A 348 -10.69 -1.82 5.05
N MET A 349 -11.90 -1.67 4.52
CA MET A 349 -12.92 -2.68 4.76
C MET A 349 -12.57 -4.03 4.18
N GLY A 350 -11.73 -4.09 3.15
CA GLY A 350 -11.23 -5.36 2.67
C GLY A 350 -10.31 -6.03 3.69
N HIS A 351 -9.48 -5.24 4.38
CA HIS A 351 -8.69 -5.82 5.47
C HIS A 351 -9.60 -6.36 6.55
N ILE A 352 -10.64 -5.60 6.92
CA ILE A 352 -11.58 -6.09 7.94
C ILE A 352 -12.24 -7.38 7.48
N GLN A 353 -12.69 -7.44 6.21
CA GLN A 353 -13.31 -8.66 5.71
C GLN A 353 -12.38 -9.85 5.85
N TYR A 354 -11.11 -9.68 5.50
CA TYR A 354 -10.18 -10.79 5.61
C TYR A 354 -10.04 -11.23 7.06
N PHE A 355 -9.92 -10.28 7.99
CA PHE A 355 -9.86 -10.60 9.43
C PHE A 355 -11.04 -11.48 9.82
N MET A 356 -12.25 -11.11 9.36
CA MET A 356 -13.44 -11.86 9.76
C MET A 356 -13.47 -13.24 9.12
N GLN A 357 -12.96 -13.36 7.89
CA GLN A 357 -13.02 -14.61 7.17
C GLN A 357 -12.10 -15.66 7.76
N TYR A 358 -10.96 -15.25 8.33
CA TYR A 358 -10.00 -16.21 8.86
C TYR A 358 -9.97 -16.25 10.39
N LYS A 359 -10.99 -15.70 11.05
CA LYS A 359 -10.98 -15.54 12.50
C LYS A 359 -10.96 -16.86 13.27
N ASP A 360 -11.34 -17.96 12.65
CA ASP A 360 -11.40 -19.24 13.34
C ASP A 360 -10.14 -20.07 13.19
N LEU A 361 -9.15 -19.58 12.46
CA LEU A 361 -7.87 -20.25 12.37
C LEU A 361 -7.05 -19.95 13.61
N PRO A 362 -6.04 -20.78 13.88
CA PRO A 362 -5.05 -20.40 14.89
C PRO A 362 -4.44 -19.05 14.56
N VAL A 363 -4.25 -18.20 15.58
CA VAL A 363 -3.77 -16.83 15.34
C VAL A 363 -2.48 -16.82 14.49
N ALA A 364 -1.67 -17.87 14.55
CA ALA A 364 -0.45 -17.90 13.74
C ALA A 364 -0.72 -18.01 12.24
N LEU A 365 -1.92 -18.46 11.85
CA LEU A 365 -2.31 -18.57 10.45
C LEU A 365 -3.31 -17.48 10.06
N ARG A 366 -3.57 -16.52 10.95
CA ARG A 366 -4.49 -15.38 10.74
C ARG A 366 -3.75 -14.25 10.03
N GLU A 367 -3.39 -14.53 8.79
CA GLU A 367 -2.85 -13.54 7.87
C GLU A 367 -3.39 -13.87 6.49
N GLY A 368 -3.10 -12.98 5.53
CA GLY A 368 -3.49 -13.25 4.16
C GLY A 368 -2.66 -14.35 3.52
N ALA A 369 -3.11 -14.83 2.36
CA ALA A 369 -2.37 -15.89 1.69
C ALA A 369 -0.92 -15.45 1.46
N ASN A 370 -0.74 -14.22 0.95
CA ASN A 370 0.51 -13.48 1.16
C ASN A 370 0.12 -12.04 1.43
N PRO A 371 1.07 -11.15 1.77
CA PRO A 371 0.66 -9.79 2.14
C PRO A 371 -0.01 -9.04 1.01
N GLY A 372 0.31 -9.37 -0.25
CA GLY A 372 -0.35 -8.73 -1.36
C GLY A 372 -1.83 -9.07 -1.43
N PHE A 373 -2.19 -10.31 -1.09
CA PHE A 373 -3.62 -10.67 -1.06
C PHE A 373 -4.39 -9.80 -0.07
N HIS A 374 -3.83 -9.54 1.10
CA HIS A 374 -4.53 -8.74 2.10
C HIS A 374 -4.81 -7.34 1.55
N GLU A 375 -3.87 -6.79 0.78
CA GLU A 375 -4.01 -5.45 0.23
C GLU A 375 -4.99 -5.39 -0.94
N ALA A 376 -5.23 -6.53 -1.59
CA ALA A 376 -5.97 -6.54 -2.85
C ALA A 376 -7.49 -6.57 -2.67
N ILE A 377 -7.99 -7.18 -1.58
CA ILE A 377 -9.43 -7.50 -1.48
C ILE A 377 -10.28 -6.24 -1.65
N GLY A 378 -10.02 -5.23 -0.82
CA GLY A 378 -10.81 -4.01 -0.87
C GLY A 378 -10.72 -3.31 -2.21
N ASP A 379 -9.52 -3.30 -2.79
CA ASP A 379 -9.32 -2.64 -4.08
C ASP A 379 -10.11 -3.31 -5.18
N VAL A 380 -10.30 -4.63 -5.09
CA VAL A 380 -11.11 -5.32 -6.09
C VAL A 380 -12.52 -4.77 -6.08
N LEU A 381 -13.15 -4.72 -4.91
CA LEU A 381 -14.48 -4.12 -4.87
C LEU A 381 -14.45 -2.67 -5.35
N ALA A 382 -13.42 -1.91 -4.97
CA ALA A 382 -13.35 -0.50 -5.35
C ALA A 382 -13.27 -0.33 -6.86
N LEU A 383 -12.71 -1.30 -7.58
CA LEU A 383 -12.70 -1.19 -9.05
C LEU A 383 -14.14 -1.13 -9.57
N SER A 384 -15.04 -1.95 -9.01
CA SER A 384 -16.43 -1.89 -9.44
C SER A 384 -17.08 -0.57 -9.01
N VAL A 385 -16.81 -0.13 -7.78
CA VAL A 385 -17.37 1.12 -7.27
C VAL A 385 -17.00 2.28 -8.19
N SER A 386 -15.80 2.24 -8.75
CA SER A 386 -15.24 3.35 -9.52
C SER A 386 -15.79 3.43 -10.92
N THR A 387 -16.51 2.43 -11.38
CA THR A 387 -17.03 2.47 -12.74
C THR A 387 -18.00 3.65 -12.87
N PRO A 388 -17.99 4.33 -14.00
CA PRO A 388 -18.96 5.42 -14.18
C PRO A 388 -20.38 4.93 -13.97
N LYS A 389 -20.66 3.67 -14.31
CA LYS A 389 -21.97 3.09 -14.02
C LYS A 389 -22.30 3.18 -12.54
N HIS A 390 -21.42 2.66 -11.69
CA HIS A 390 -21.72 2.62 -10.27
C HIS A 390 -21.73 4.02 -9.67
N LEU A 391 -20.78 4.87 -10.08
CA LEU A 391 -20.74 6.23 -9.56
C LEU A 391 -22.02 7.00 -9.92
N HIS A 392 -22.57 6.76 -11.11
CA HIS A 392 -23.85 7.36 -11.44
C HIS A 392 -24.96 6.87 -10.52
N SER A 393 -24.93 5.58 -10.15
CA SER A 393 -25.93 5.05 -9.23
C SER A 393 -25.82 5.64 -7.83
N LEU A 394 -24.66 6.22 -7.48
CA LEU A 394 -24.48 6.95 -6.24
C LEU A 394 -24.78 8.43 -6.40
N ASN A 395 -25.19 8.85 -7.60
CA ASN A 395 -25.46 10.25 -7.96
C ASN A 395 -24.21 11.12 -7.90
N LEU A 396 -23.05 10.53 -8.20
CA LEU A 396 -21.80 11.26 -8.15
C LEU A 396 -21.24 11.54 -9.53
N LEU A 397 -21.87 10.98 -10.56
CA LEU A 397 -21.56 11.30 -11.95
C LEU A 397 -22.86 11.41 -12.71
N SER A 398 -22.85 12.26 -13.74
CA SER A 398 -23.88 12.18 -14.74
C SER A 398 -23.63 10.95 -15.60
N SER A 399 -24.67 10.52 -16.30
CA SER A 399 -24.55 9.34 -17.16
C SER A 399 -23.41 9.52 -18.17
N GLU A 400 -22.43 8.61 -18.11
CA GLU A 400 -21.28 8.65 -19.00
C GLU A 400 -21.15 7.38 -19.86
N GLY A 401 -22.18 6.54 -19.86
CA GLY A 401 -22.10 5.32 -20.63
C GLY A 401 -22.27 5.53 -22.12
N GLY A 402 -21.77 4.57 -22.89
CA GLY A 402 -21.78 4.65 -24.34
C GLY A 402 -20.59 5.41 -24.87
N SER A 403 -20.53 6.71 -24.52
CA SER A 403 -19.61 7.64 -25.14
C SER A 403 -18.17 7.15 -25.13
N ASP A 404 -17.57 7.05 -26.32
CA ASP A 404 -16.17 6.66 -26.41
C ASP A 404 -15.25 7.66 -25.71
N GLU A 405 -15.58 8.95 -25.80
CA GLU A 405 -14.75 9.96 -25.15
C GLU A 405 -14.75 9.80 -23.64
N HIS A 406 -15.94 9.68 -23.05
CA HIS A 406 -16.01 9.40 -21.61
C HIS A 406 -15.27 8.12 -21.26
N ASP A 407 -15.33 7.13 -22.14
CA ASP A 407 -14.71 5.83 -21.88
C ASP A 407 -13.19 5.96 -21.76
N ILE A 408 -12.56 6.62 -22.74
CA ILE A 408 -11.12 6.85 -22.70
C ILE A 408 -10.78 7.77 -21.52
N ASN A 409 -11.62 8.77 -21.25
CA ASN A 409 -11.36 9.64 -20.09
C ASN A 409 -11.35 8.82 -18.79
N PHE A 410 -12.29 7.88 -18.64
CA PHE A 410 -12.33 7.04 -17.44
C PHE A 410 -11.08 6.16 -17.35
N LEU A 411 -10.70 5.54 -18.46
CA LEU A 411 -9.53 4.67 -18.40
C LEU A 411 -8.28 5.49 -18.05
N MET A 412 -8.19 6.72 -18.55
CA MET A 412 -7.05 7.56 -18.18
C MET A 412 -7.06 7.87 -16.68
N LYS A 413 -8.23 8.22 -16.13
CA LYS A 413 -8.31 8.46 -14.69
C LYS A 413 -7.79 7.24 -13.93
N MET A 414 -8.26 6.06 -14.31
CA MET A 414 -7.84 4.84 -13.64
C MET A 414 -6.34 4.60 -13.81
N ALA A 415 -5.81 4.85 -15.01
CA ALA A 415 -4.40 4.57 -15.29
C ALA A 415 -3.48 5.50 -14.49
N LEU A 416 -3.92 6.75 -14.31
CA LEU A 416 -3.10 7.70 -13.54
C LEU A 416 -2.85 7.21 -12.12
N ASP A 417 -3.73 6.41 -11.57
N ASP A 417 -3.78 6.40 -11.60
CA ASP A 417 -3.35 5.81 -10.30
CA ASP A 417 -3.80 5.82 -10.25
C ASP A 417 -2.75 4.42 -10.49
C ASP A 417 -3.18 4.44 -10.18
N LYS A 418 -3.49 3.56 -11.14
CA LYS A 418 -3.10 2.16 -11.09
C LYS A 418 -1.83 1.87 -11.87
N ILE A 419 -1.64 2.50 -13.02
CA ILE A 419 -0.44 2.22 -13.82
C ILE A 419 0.75 3.01 -13.30
N ALA A 420 0.54 4.29 -12.96
CA ALA A 420 1.64 5.12 -12.46
C ALA A 420 2.26 4.51 -11.21
N PHE A 421 1.45 3.84 -10.39
CA PHE A 421 1.93 3.29 -9.12
C PHE A 421 2.80 2.05 -9.31
N ILE A 422 2.69 1.36 -10.44
CA ILE A 422 3.45 0.11 -10.62
C ILE A 422 4.95 0.35 -10.45
N PRO A 423 5.59 1.31 -11.15
CA PRO A 423 7.02 1.45 -10.92
C PRO A 423 7.38 1.99 -9.54
N PHE A 424 6.55 2.88 -8.97
CA PHE A 424 6.87 3.39 -7.63
C PHE A 424 6.86 2.24 -6.62
N SER A 425 5.82 1.41 -6.64
CA SER A 425 5.67 0.36 -5.64
C SER A 425 6.73 -0.73 -5.82
N TYR A 426 7.23 -0.88 -7.03
CA TYR A 426 8.35 -1.78 -7.28
C TYR A 426 9.65 -1.23 -6.70
N LEU A 427 9.88 0.06 -6.90
CA LEU A 427 11.09 0.77 -6.51
C LEU A 427 11.40 0.66 -5.01
N VAL A 428 10.41 0.89 -4.16
CA VAL A 428 10.67 1.17 -2.74
C VAL A 428 11.49 0.04 -2.13
N ASP A 429 11.05 -1.22 -2.32
CA ASP A 429 11.77 -2.33 -1.72
C ASP A 429 12.91 -2.84 -2.58
N GLN A 430 12.95 -2.52 -3.88
CA GLN A 430 14.21 -2.75 -4.59
C GLN A 430 15.32 -1.97 -3.92
N TRP A 431 15.03 -0.71 -3.52
CA TRP A 431 16.03 0.07 -2.80
C TRP A 431 16.32 -0.53 -1.43
N ARG A 432 15.27 -0.82 -0.65
CA ARG A 432 15.50 -1.34 0.70
C ARG A 432 16.21 -2.68 0.70
N TRP A 433 15.86 -3.60 -0.24
CA TRP A 433 16.54 -4.89 -0.26
C TRP A 433 18.04 -4.69 -0.43
N ARG A 434 18.43 -3.71 -1.25
CA ARG A 434 19.86 -3.43 -1.48
C ARG A 434 20.52 -2.67 -0.34
N VAL A 435 19.78 -1.84 0.40
CA VAL A 435 20.31 -1.36 1.67
C VAL A 435 20.52 -2.53 2.64
N PHE A 436 19.51 -3.38 2.81
CA PHE A 436 19.63 -4.44 3.79
C PHE A 436 20.75 -5.42 3.44
N ASP A 437 20.91 -5.77 2.15
CA ASP A 437 21.97 -6.72 1.81
C ASP A 437 23.36 -6.06 1.72
N GLY A 438 23.46 -4.77 2.06
CA GLY A 438 24.74 -4.09 2.16
C GLY A 438 25.29 -3.57 0.84
N SER A 439 24.56 -3.74 -0.27
N SER A 439 24.58 -3.71 -0.27
CA SER A 439 24.98 -3.22 -1.56
CA SER A 439 25.12 -3.21 -1.53
C SER A 439 25.01 -1.70 -1.55
C SER A 439 24.87 -1.70 -1.73
N ILE A 440 24.03 -1.08 -0.90
CA ILE A 440 23.92 0.38 -0.79
C ILE A 440 24.31 0.72 0.64
N THR A 441 25.29 1.62 0.80
CA THR A 441 25.73 2.10 2.10
C THR A 441 25.16 3.48 2.37
N LYS A 442 25.37 3.97 3.60
CA LYS A 442 24.91 5.32 3.91
C LYS A 442 25.61 6.37 3.06
N GLU A 443 26.75 6.05 2.45
CA GLU A 443 27.39 7.01 1.54
C GLU A 443 26.55 7.28 0.32
N ASN A 444 25.71 6.31 -0.12
CA ASN A 444 24.99 6.47 -1.39
C ASN A 444 23.52 6.10 -1.28
N TYR A 445 22.94 6.11 -0.08
CA TYR A 445 21.49 5.94 0.08
C TYR A 445 20.72 6.74 -0.96
N ASN A 446 21.00 8.04 -1.00
CA ASN A 446 20.13 8.94 -1.73
C ASN A 446 20.42 8.87 -3.21
N GLN A 447 21.70 8.76 -3.58
CA GLN A 447 22.04 8.64 -4.98
C GLN A 447 21.41 7.39 -5.58
N GLU A 448 21.41 6.29 -4.82
N GLU A 448 21.41 6.29 -4.83
CA GLU A 448 20.86 5.04 -5.33
CA GLU A 448 20.85 5.07 -5.39
C GLU A 448 19.34 5.11 -5.38
C GLU A 448 19.32 5.15 -5.43
N TRP A 449 18.70 5.80 -4.44
CA TRP A 449 17.27 6.05 -4.53
C TRP A 449 16.93 6.73 -5.84
N TRP A 450 17.65 7.83 -6.18
CA TRP A 450 17.34 8.58 -7.41
C TRP A 450 17.73 7.79 -8.67
N SER A 451 18.75 6.94 -8.60
N SER A 451 18.77 6.95 -8.60
N SER A 451 18.74 6.93 -8.59
CA SER A 451 19.03 6.07 -9.73
CA SER A 451 19.05 6.03 -9.70
CA SER A 451 19.03 6.08 -9.75
C SER A 451 17.84 5.17 -10.05
C SER A 451 17.84 5.18 -10.04
C SER A 451 17.86 5.15 -10.06
N LEU A 452 17.14 4.69 -9.02
CA LEU A 452 15.98 3.84 -9.24
C LEU A 452 14.74 4.65 -9.60
N ARG A 453 14.57 5.84 -9.00
CA ARG A 453 13.49 6.74 -9.42
C ARG A 453 13.58 7.00 -10.92
N LEU A 454 14.81 7.18 -11.41
CA LEU A 454 15.03 7.34 -12.85
C LEU A 454 14.77 6.04 -13.61
N LYS A 455 15.43 4.96 -13.19
CA LYS A 455 15.37 3.70 -13.94
C LYS A 455 13.94 3.20 -14.08
N TYR A 456 13.19 3.19 -12.97
CA TYR A 456 11.85 2.61 -12.99
C TYR A 456 10.74 3.60 -13.31
N GLN A 457 10.75 4.78 -12.68
CA GLN A 457 9.66 5.73 -12.90
C GLN A 457 9.95 6.79 -13.96
N GLY A 458 11.19 6.99 -14.34
CA GLY A 458 11.47 8.03 -15.31
C GLY A 458 11.26 9.42 -14.74
N LEU A 459 11.69 9.62 -13.48
CA LEU A 459 11.57 10.90 -12.78
C LEU A 459 12.94 11.43 -12.45
N PRO A 461 14.80 14.70 -9.85
CA PRO A 461 14.48 15.68 -8.81
C PRO A 461 14.56 17.09 -9.36
N PRO A 462 13.61 17.95 -9.02
CA PRO A 462 13.64 19.32 -9.57
C PRO A 462 14.81 20.14 -9.06
N VAL A 463 15.34 19.81 -7.89
CA VAL A 463 16.47 20.49 -7.29
C VAL A 463 17.56 19.44 -7.08
N PRO A 464 18.79 19.67 -7.51
CA PRO A 464 19.85 18.70 -7.27
C PRO A 464 19.97 18.35 -5.79
N ARG A 465 20.13 17.07 -5.49
CA ARG A 465 20.23 16.66 -4.11
C ARG A 465 21.63 16.96 -3.57
N THR A 466 21.71 17.09 -2.28
CA THR A 466 22.96 17.43 -1.62
C THR A 466 23.25 16.45 -0.50
N GLN A 467 24.48 16.51 -0.01
CA GLN A 467 24.84 15.67 1.12
C GLN A 467 23.93 15.98 2.30
N GLY A 468 23.52 14.92 2.98
CA GLY A 468 22.59 15.05 4.06
C GLY A 468 21.15 14.85 3.66
N ASP A 469 20.85 14.91 2.36
CA ASP A 469 19.50 14.58 1.93
C ASP A 469 19.26 13.09 2.13
N PHE A 470 18.01 12.76 2.51
CA PHE A 470 17.62 11.36 2.68
C PHE A 470 16.14 11.27 2.28
N ASP A 471 15.92 11.34 0.99
CA ASP A 471 14.58 11.50 0.45
C ASP A 471 13.74 10.26 0.75
N PRO A 472 14.30 9.05 0.80
CA PRO A 472 13.45 7.93 1.24
C PRO A 472 12.80 8.15 2.59
N GLY A 473 13.47 8.86 3.50
CA GLY A 473 12.89 9.11 4.81
C GLY A 473 11.65 9.99 4.79
N ALA A 474 11.39 10.66 3.68
CA ALA A 474 10.21 11.49 3.51
C ALA A 474 9.00 10.70 3.03
N LYS A 475 9.11 9.38 2.94
CA LYS A 475 7.99 8.50 2.61
C LYS A 475 7.68 7.64 3.83
N PHE A 476 6.41 7.68 4.29
CA PHE A 476 6.00 7.10 5.58
C PHE A 476 6.58 5.71 5.88
N HIS A 477 6.49 4.80 4.92
CA HIS A 477 6.76 3.39 5.17
C HIS A 477 8.24 3.13 5.44
N ILE A 478 9.10 4.08 5.14
CA ILE A 478 10.55 3.95 5.38
C ILE A 478 10.83 4.12 6.87
N PRO A 479 10.52 5.27 7.49
CA PRO A 479 10.74 5.36 8.95
C PRO A 479 9.82 4.46 9.77
N SER A 480 8.66 4.04 9.23
CA SER A 480 7.78 3.13 9.97
C SER A 480 8.10 1.66 9.72
N SER A 481 9.06 1.37 8.84
CA SER A 481 9.53 0.01 8.62
C SER A 481 8.37 -0.92 8.26
N VAL A 482 7.55 -0.47 7.30
CA VAL A 482 6.45 -1.24 6.73
C VAL A 482 6.89 -1.74 5.35
N PRO A 483 6.93 -3.04 5.09
CA PRO A 483 7.26 -3.52 3.74
C PRO A 483 6.27 -3.01 2.70
N TYR A 484 6.78 -2.82 1.48
CA TYR A 484 6.04 -2.13 0.42
C TYR A 484 5.74 -2.97 -0.81
N ILE A 485 6.49 -4.04 -1.05
CA ILE A 485 6.26 -4.81 -2.28
C ILE A 485 4.85 -5.41 -2.30
N ARG A 486 4.23 -5.59 -1.12
CA ARG A 486 2.83 -6.03 -1.05
C ARG A 486 1.92 -5.17 -1.95
N TYR A 487 2.22 -3.89 -2.07
CA TYR A 487 1.37 -3.01 -2.84
C TYR A 487 1.58 -3.16 -4.35
N PHE A 488 2.80 -3.47 -4.78
CA PHE A 488 3.05 -3.86 -6.17
C PHE A 488 2.30 -5.14 -6.51
N VAL A 489 2.43 -6.14 -5.66
CA VAL A 489 1.70 -7.39 -5.87
C VAL A 489 0.20 -7.12 -5.92
N SER A 490 -0.30 -6.34 -4.96
CA SER A 490 -1.72 -6.05 -4.90
C SER A 490 -2.23 -5.40 -6.19
N PHE A 491 -1.48 -4.44 -6.71
CA PHE A 491 -2.00 -3.71 -7.87
C PHE A 491 -2.03 -4.59 -9.12
N ILE A 492 -1.15 -5.60 -9.22
CA ILE A 492 -1.23 -6.60 -10.29
C ILE A 492 -2.41 -7.55 -10.06
N ILE A 493 -2.42 -8.21 -8.90
CA ILE A 493 -3.36 -9.33 -8.75
C ILE A 493 -4.78 -8.85 -8.57
N GLN A 494 -5.00 -7.60 -8.13
CA GLN A 494 -6.39 -7.15 -8.01
C GLN A 494 -7.10 -7.16 -9.35
N PHE A 495 -6.38 -6.88 -10.45
CA PHE A 495 -6.99 -7.00 -11.77
C PHE A 495 -7.26 -8.44 -12.14
N GLN A 496 -6.36 -9.37 -11.77
CA GLN A 496 -6.64 -10.79 -11.97
C GLN A 496 -7.92 -11.20 -11.23
N PHE A 497 -8.08 -10.73 -9.99
CA PHE A 497 -9.25 -11.07 -9.22
C PHE A 497 -10.50 -10.45 -9.85
N HIS A 498 -10.41 -9.18 -10.25
CA HIS A 498 -11.53 -8.54 -10.93
C HIS A 498 -11.95 -9.33 -12.15
N GLU A 499 -11.00 -9.70 -13.00
CA GLU A 499 -11.31 -10.46 -14.21
C GLU A 499 -12.03 -11.76 -13.86
N ALA A 500 -11.52 -12.48 -12.87
CA ALA A 500 -12.10 -13.77 -12.49
C ALA A 500 -13.50 -13.60 -11.91
N LEU A 501 -13.69 -12.60 -11.05
CA LEU A 501 -15.00 -12.39 -10.45
C LEU A 501 -16.00 -11.90 -11.50
N CYS A 502 -15.54 -11.08 -12.45
CA CYS A 502 -16.41 -10.63 -13.53
C CYS A 502 -16.88 -11.80 -14.37
N GLN A 503 -15.97 -12.74 -14.65
CA GLN A 503 -16.35 -13.95 -15.37
C GLN A 503 -17.32 -14.78 -14.55
N ALA A 504 -17.07 -14.94 -13.25
CA ALA A 504 -17.98 -15.67 -12.37
C ALA A 504 -19.37 -15.05 -12.36
N ALA A 505 -19.44 -13.73 -12.46
CA ALA A 505 -20.71 -13.00 -12.45
C ALA A 505 -21.39 -12.99 -13.81
N GLY A 506 -20.75 -13.53 -14.84
CA GLY A 506 -21.37 -13.60 -16.14
C GLY A 506 -21.23 -12.36 -16.98
N HIS A 507 -20.27 -11.49 -16.62
N HIS A 507 -20.27 -11.49 -16.67
CA HIS A 507 -20.00 -10.28 -17.39
CA HIS A 507 -20.18 -10.22 -17.36
C HIS A 507 -19.42 -10.62 -18.75
C HIS A 507 -19.32 -10.35 -18.62
N THR A 508 -19.86 -9.89 -19.75
CA THR A 508 -19.23 -9.98 -21.05
C THR A 508 -18.89 -8.57 -21.51
N GLY A 509 -18.00 -8.50 -22.48
CA GLY A 509 -17.58 -7.23 -22.98
C GLY A 509 -16.39 -6.72 -22.20
N PRO A 510 -15.98 -5.49 -22.48
CA PRO A 510 -14.72 -4.97 -21.94
C PRO A 510 -14.62 -5.10 -20.44
N LEU A 511 -13.48 -5.62 -19.98
CA LEU A 511 -13.31 -5.85 -18.56
C LEU A 511 -13.52 -4.58 -17.76
N HIS A 512 -13.12 -3.43 -18.30
CA HIS A 512 -13.21 -2.22 -17.49
C HIS A 512 -14.63 -1.72 -17.31
N LYS A 513 -15.61 -2.30 -18.01
CA LYS A 513 -16.99 -1.97 -17.77
C LYS A 513 -17.65 -2.85 -16.72
N CYS A 514 -16.94 -3.83 -16.18
CA CYS A 514 -17.56 -4.75 -15.23
C CYS A 514 -17.84 -4.14 -13.87
N ASP A 515 -19.04 -4.40 -13.33
CA ASP A 515 -19.43 -4.02 -11.98
C ASP A 515 -20.04 -5.25 -11.31
N ILE A 516 -19.37 -5.80 -10.29
CA ILE A 516 -19.79 -7.06 -9.73
C ILE A 516 -20.79 -6.92 -8.58
N TYR A 517 -21.31 -5.71 -8.35
CA TYR A 517 -22.27 -5.48 -7.25
C TYR A 517 -23.39 -6.52 -7.27
N GLN A 518 -23.62 -7.13 -6.10
CA GLN A 518 -24.66 -8.12 -5.80
C GLN A 518 -24.38 -9.50 -6.36
N SER A 519 -23.19 -9.76 -6.89
CA SER A 519 -22.87 -11.08 -7.41
C SER A 519 -22.49 -12.04 -6.29
N LYS A 520 -23.38 -13.00 -6.00
CA LYS A 520 -23.07 -13.99 -4.98
C LYS A 520 -22.01 -14.96 -5.47
N GLU A 521 -21.97 -15.19 -6.78
CA GLU A 521 -20.94 -16.04 -7.35
C GLU A 521 -19.57 -15.42 -7.12
N ALA A 522 -19.46 -14.11 -7.30
CA ALA A 522 -18.17 -13.45 -7.07
C ALA A 522 -17.78 -13.54 -5.61
N GLY A 523 -18.73 -13.32 -4.70
CA GLY A 523 -18.42 -13.38 -3.29
C GLY A 523 -17.93 -14.77 -2.88
N GLN A 524 -18.57 -15.82 -3.39
CA GLN A 524 -18.17 -17.17 -2.99
C GLN A 524 -16.71 -17.44 -3.35
N ARG A 525 -16.25 -16.95 -4.50
CA ARG A 525 -14.85 -17.14 -4.87
C ARG A 525 -13.92 -16.51 -3.86
N LEU A 526 -14.21 -15.27 -3.48
CA LEU A 526 -13.32 -14.57 -2.56
C LEU A 526 -13.34 -15.20 -1.18
N ALA A 527 -14.52 -15.64 -0.73
CA ALA A 527 -14.65 -16.16 0.62
C ALA A 527 -13.87 -17.45 0.81
N THR A 528 -13.99 -18.38 -0.14
CA THR A 528 -13.25 -19.63 -0.05
C THR A 528 -11.75 -19.33 0.11
N ALA A 529 -11.24 -18.39 -0.67
CA ALA A 529 -9.81 -18.05 -0.60
C ALA A 529 -9.45 -17.39 0.73
N MET A 530 -10.22 -16.39 1.16
CA MET A 530 -9.90 -15.67 2.39
C MET A 530 -9.93 -16.60 3.59
N LYS A 531 -10.83 -17.58 3.61
CA LYS A 531 -10.95 -18.44 4.78
C LYS A 531 -9.71 -19.29 4.98
N LEU A 532 -8.87 -19.47 3.95
CA LEU A 532 -7.62 -20.19 4.10
C LEU A 532 -6.60 -19.42 4.94
N GLY A 533 -6.79 -18.12 5.12
CA GLY A 533 -5.79 -17.30 5.79
C GLY A 533 -4.42 -17.59 5.22
N PHE A 534 -3.49 -17.87 6.12
CA PHE A 534 -2.11 -18.22 5.81
C PHE A 534 -1.85 -19.71 6.04
N SER A 535 -2.88 -20.56 5.90
CA SER A 535 -2.75 -21.98 6.20
C SER A 535 -2.12 -22.80 5.09
N ARG A 536 -2.04 -22.27 3.88
CA ARG A 536 -1.62 -22.97 2.67
C ARG A 536 -0.75 -22.04 1.84
N PRO A 537 0.13 -22.59 1.00
CA PRO A 537 0.87 -21.74 0.05
C PRO A 537 -0.09 -20.90 -0.76
N TRP A 538 0.29 -19.61 -1.01
CA TRP A 538 -0.67 -18.70 -1.62
C TRP A 538 -1.16 -19.13 -3.01
N PRO A 539 -0.44 -19.95 -3.79
CA PRO A 539 -1.03 -20.36 -5.09
C PRO A 539 -2.35 -21.09 -4.97
N GLU A 540 -2.63 -21.68 -3.81
CA GLU A 540 -3.92 -22.35 -3.63
C GLU A 540 -5.06 -21.32 -3.61
N ALA A 541 -4.89 -20.21 -2.88
CA ALA A 541 -5.88 -19.14 -2.90
C ALA A 541 -5.97 -18.51 -4.28
N MET A 542 -4.83 -18.34 -4.96
CA MET A 542 -4.87 -17.81 -6.32
C MET A 542 -5.73 -18.68 -7.21
N GLN A 543 -5.57 -20.00 -7.06
N GLN A 543 -5.58 -20.01 -7.09
CA GLN A 543 -6.32 -20.97 -7.83
CA GLN A 543 -6.37 -20.92 -7.92
C GLN A 543 -7.81 -20.88 -7.53
C GLN A 543 -7.85 -20.88 -7.55
N LEU A 544 -8.16 -20.82 -6.26
CA LEU A 544 -9.57 -20.72 -5.87
C LEU A 544 -10.25 -19.51 -6.50
N ILE A 545 -9.54 -18.40 -6.63
CA ILE A 545 -10.16 -17.19 -7.17
C ILE A 545 -10.20 -17.21 -8.69
N THR A 546 -9.08 -17.58 -9.31
CA THR A 546 -8.87 -17.33 -10.74
C THR A 546 -8.85 -18.58 -11.61
N GLY A 547 -8.82 -19.78 -11.02
CA GLY A 547 -8.67 -20.98 -11.81
C GLY A 547 -7.27 -21.32 -12.28
N GLN A 548 -6.25 -20.60 -11.83
CA GLN A 548 -4.87 -20.91 -12.16
C GLN A 548 -4.02 -20.36 -11.03
N PRO A 549 -2.77 -20.82 -10.88
CA PRO A 549 -1.99 -20.53 -9.67
C PRO A 549 -0.97 -19.39 -9.72
N GLN A 550 -0.78 -18.74 -10.88
CA GLN A 550 0.30 -17.77 -11.05
C GLN A 550 -0.20 -16.33 -10.86
N MET A 551 0.72 -15.46 -10.45
CA MET A 551 0.56 -14.03 -10.71
C MET A 551 0.71 -13.73 -12.20
N SER A 552 -0.13 -12.83 -12.72
CA SER A 552 -0.08 -12.48 -14.14
C SER A 552 -0.57 -11.07 -14.34
N ALA A 553 0.16 -10.32 -15.18
CA ALA A 553 -0.27 -8.98 -15.58
C ALA A 553 -1.31 -8.97 -16.69
N SER A 554 -1.71 -10.13 -17.22
N SER A 554 -1.71 -10.13 -17.22
CA SER A 554 -2.56 -10.14 -18.41
CA SER A 554 -2.56 -10.14 -18.41
C SER A 554 -3.90 -9.45 -18.13
C SER A 554 -3.90 -9.46 -18.14
N ALA A 555 -4.47 -9.66 -16.95
CA ALA A 555 -5.76 -9.04 -16.63
C ALA A 555 -5.65 -7.53 -16.59
N MET A 556 -4.60 -7.00 -15.97
CA MET A 556 -4.40 -5.55 -15.95
C MET A 556 -4.24 -5.02 -17.37
N LEU A 557 -3.47 -5.72 -18.20
CA LEU A 557 -3.30 -5.27 -19.58
C LEU A 557 -4.63 -5.31 -20.33
N SER A 558 -5.44 -6.35 -20.10
N SER A 558 -5.44 -6.35 -20.11
CA SER A 558 -6.75 -6.42 -20.76
CA SER A 558 -6.75 -6.43 -20.75
C SER A 558 -7.65 -5.27 -20.33
C SER A 558 -7.63 -5.25 -20.34
N TYR A 559 -7.66 -4.96 -19.03
CA TYR A 559 -8.45 -3.85 -18.53
C TYR A 559 -8.09 -2.56 -19.27
N PHE A 560 -6.79 -2.31 -19.48
CA PHE A 560 -6.32 -1.06 -20.06
C PHE A 560 -6.07 -1.10 -21.56
N LYS A 561 -6.35 -2.24 -22.22
CA LYS A 561 -6.09 -2.37 -23.65
C LYS A 561 -6.62 -1.20 -24.47
N PRO A 562 -7.85 -0.70 -24.27
CA PRO A 562 -8.32 0.41 -25.11
C PRO A 562 -7.52 1.67 -24.91
N LEU A 563 -7.01 1.88 -23.69
CA LEU A 563 -6.15 3.03 -23.44
C LEU A 563 -4.77 2.86 -24.06
N LEU A 564 -4.19 1.65 -23.97
CA LEU A 564 -2.91 1.40 -24.63
C LEU A 564 -3.02 1.76 -26.11
N ASP A 565 -4.10 1.32 -26.76
CA ASP A 565 -4.30 1.61 -28.19
C ASP A 565 -4.40 3.11 -28.43
N TRP A 566 -5.21 3.80 -27.62
CA TRP A 566 -5.38 5.25 -27.74
C TRP A 566 -4.06 5.97 -27.51
N LEU A 567 -3.31 5.54 -26.48
CA LEU A 567 -2.05 6.22 -26.16
C LEU A 567 -1.05 6.06 -27.30
N ARG A 568 -0.97 4.86 -27.88
CA ARG A 568 -0.02 4.60 -28.93
C ARG A 568 -0.33 5.48 -30.13
N THR A 569 -1.60 5.58 -30.49
CA THR A 569 -1.98 6.44 -31.61
C THR A 569 -1.63 7.89 -31.31
N GLU A 570 -1.99 8.35 -30.13
CA GLU A 570 -1.75 9.75 -29.76
C GLU A 570 -0.25 10.05 -29.72
N ASN A 571 0.55 9.19 -29.07
CA ASN A 571 1.97 9.42 -28.97
C ASN A 571 2.65 9.36 -30.32
N GLU A 572 2.19 8.45 -31.19
CA GLU A 572 2.77 8.37 -32.53
C GLU A 572 2.51 9.64 -33.34
N LEU A 573 1.30 10.19 -33.26
CA LEU A 573 1.06 11.34 -34.13
C LEU A 573 1.80 12.58 -33.63
N HIS A 574 2.23 12.61 -32.36
CA HIS A 574 3.07 13.70 -31.86
C HIS A 574 4.55 13.39 -31.96
N GLY A 575 4.92 12.20 -32.39
CA GLY A 575 6.30 11.81 -32.52
C GLY A 575 7.03 11.61 -31.21
N GLU A 576 6.35 11.05 -30.20
CA GLU A 576 7.02 10.93 -28.92
C GLU A 576 8.10 9.87 -28.97
N LYS A 577 9.17 10.13 -28.26
CA LYS A 577 10.23 9.16 -28.04
C LYS A 577 9.99 8.57 -26.66
N LEU A 578 9.50 7.33 -26.61
CA LEU A 578 9.21 6.68 -25.34
C LEU A 578 10.48 6.50 -24.53
N GLY A 579 10.35 6.62 -23.23
CA GLY A 579 11.47 6.45 -22.35
C GLY A 579 12.24 7.74 -22.17
N TRP A 580 13.45 7.59 -21.68
CA TRP A 580 14.26 8.75 -21.34
C TRP A 580 15.70 8.45 -21.73
N PRO A 581 15.96 8.29 -23.03
CA PRO A 581 17.34 8.18 -23.49
C PRO A 581 18.21 9.32 -23.01
N GLN A 582 17.67 10.54 -22.96
CA GLN A 582 18.38 11.63 -22.32
C GLN A 582 18.19 11.51 -20.82
N TYR A 583 18.48 10.31 -20.28
CA TYR A 583 18.24 10.02 -18.86
C TYR A 583 19.11 10.86 -17.94
N ASN A 584 20.15 11.50 -18.47
CA ASN A 584 21.01 12.39 -17.68
C ASN A 584 20.45 13.80 -17.51
N TRP A 585 19.34 14.13 -18.18
CA TRP A 585 18.78 15.47 -18.09
C TRP A 585 18.22 15.74 -16.70
N THR A 586 18.47 16.94 -16.21
CA THR A 586 17.77 17.47 -15.03
C THR A 586 17.52 18.96 -15.25
N PRO A 587 16.58 19.54 -14.51
CA PRO A 587 16.16 20.92 -14.75
C PRO A 587 17.31 21.93 -14.67
N ASN A 588 17.30 22.89 -15.62
CA ASN A 588 18.28 23.95 -15.60
C ASN A 588 17.92 25.07 -14.63
N SER A 589 16.64 25.35 -14.42
CA SER A 589 16.22 26.36 -13.45
C SER A 589 14.96 25.89 -12.70
#